data_8RX9
#
_entry.id   8RX9
#
_cell.length_a   78.195
_cell.length_b   86.938
_cell.length_c   99.494
_cell.angle_alpha   90.00
_cell.angle_beta   90.00
_cell.angle_gamma   90.00
#
_symmetry.space_group_name_H-M   'P 21 21 21'
#
loop_
_entity.id
_entity.type
_entity.pdbx_description
1 polymer 'Leukotriene A-4 hydrolase'
2 non-polymer 'ZINC ION'
3 non-polymer 'ACETATE ION'
4 non-polymer 'YTTERBIUM (III) ION'
5 non-polymer IMIDAZOLE
6 non-polymer 1-[[5-[5-(1~{H}-pyrazol-5-yl)pyridin-2-yl]oxypyridin-2-yl]methyl]piperidin-4-ol
7 water water
#
_entity_poly.entity_id   1
_entity_poly.type   'polypeptide(L)'
_entity_poly.pdbx_seq_one_letter_code
;GPGPEIVDTCSLASPASVCRTKHLHLRCSVDFTRRTLTGTAALTVQSQEDNLRSLVLDTKDLTIEKVVINGQEVKYALGE
RQSYKGSPMEISLPIALSKNQEIVIEISFETSPKSSALQWLTPEQTSGKEHPYLFSQCQAIHCRAILPCQDTPSVKLTYT
AEVSVPKELVALMSAIRDGETPDPEDPSRKIYKFIQKVPIPCYLIALVVGALESRQIGPRTLVWSEKEQVEKSAYEFSET
ESMLKIAEDLGGPYVWGQYDLLVLPPSFPYGGMENPCLTFVTPTLLAGDKSLSNVIAHEISHSWTGNLVTNKTWDHFWLN
EGHTVYLERHICGRLFGEKFRHFNALGGWGELQNSVKTFGETHPFTKLVVDLTDIDPDVAYSSVPYEKGFALLFYLEQLL
GGPEIFLGFLKAYVEKFSYKSITTDDWKDFLYSYFKDKVDVLNQVDWNAWLYSPGLPPIKPNYDMTLTNACIALSQRWIT
AKEDDLNSFNATDLKDLSSHQLNEFLAQTLQRAPLPLGHIKRMQEVYNFNAINNSEIRFRWLRLCIQSKWEDAIPLALKM
ATEQGRMKFTRPLFKDLAAFDKSHDQAVRTYQEHKASMHPVTAMLVGKDLKVD
;
_entity_poly.pdbx_strand_id   A
#
# COMPACT_ATOMS: atom_id res chain seq x y z
N VAL A 7 -3.18 22.64 -7.34
CA VAL A 7 -3.28 22.65 -5.88
C VAL A 7 -2.47 21.52 -5.22
N ASP A 8 -1.83 20.63 -6.03
CA ASP A 8 -1.02 19.50 -5.54
C ASP A 8 0.47 19.86 -5.44
N THR A 9 0.98 19.89 -4.20
CA THR A 9 2.38 20.21 -3.87
C THR A 9 3.36 19.18 -4.40
N CYS A 10 2.99 17.88 -4.37
CA CYS A 10 3.81 16.74 -4.79
C CYS A 10 3.97 16.61 -6.33
N SER A 11 3.39 17.54 -7.12
CA SER A 11 3.44 17.50 -8.59
C SER A 11 4.12 18.72 -9.23
N LEU A 12 4.73 18.51 -10.41
CA LEU A 12 5.42 19.55 -11.19
C LEU A 12 4.65 19.89 -12.49
N ALA A 13 3.58 19.11 -12.79
CA ALA A 13 2.73 19.24 -13.97
C ALA A 13 1.75 20.41 -13.84
N SER A 14 0.91 20.63 -14.88
CA SER A 14 -0.13 21.65 -14.92
C SER A 14 -1.35 21.10 -14.16
N PRO A 15 -2.01 21.87 -13.27
CA PRO A 15 -3.14 21.32 -12.50
C PRO A 15 -4.37 20.98 -13.33
N ALA A 16 -5.30 20.18 -12.76
CA ALA A 16 -6.55 19.76 -13.40
C ALA A 16 -7.42 20.91 -13.90
N SER A 17 -7.25 22.12 -13.29
CA SER A 17 -7.95 23.36 -13.63
C SER A 17 -7.49 23.91 -14.98
N VAL A 18 -6.20 23.69 -15.29
CA VAL A 18 -5.52 24.14 -16.52
C VAL A 18 -5.59 23.05 -17.60
N CYS A 19 -5.27 21.79 -17.23
CA CYS A 19 -5.26 20.65 -18.16
C CYS A 19 -5.67 19.34 -17.47
N ARG A 20 -6.35 18.46 -18.21
CA ARG A 20 -6.82 17.16 -17.72
C ARG A 20 -6.55 16.04 -18.75
N THR A 21 -5.88 14.96 -18.32
CA THR A 21 -5.63 13.79 -19.17
C THR A 21 -6.89 12.91 -19.14
N LYS A 22 -7.37 12.45 -20.30
CA LYS A 22 -8.58 11.63 -20.38
C LYS A 22 -8.31 10.16 -20.71
N HIS A 23 -7.25 9.87 -21.49
CA HIS A 23 -6.89 8.51 -21.89
C HIS A 23 -5.36 8.35 -22.06
N LEU A 24 -4.87 7.10 -22.06
CA LEU A 24 -3.46 6.75 -22.24
C LEU A 24 -3.29 5.41 -22.98
N HIS A 25 -2.55 5.41 -24.10
CA HIS A 25 -2.25 4.18 -24.84
C HIS A 25 -0.75 3.87 -24.79
N LEU A 26 -0.38 2.86 -23.98
CA LEU A 26 1.01 2.45 -23.77
C LEU A 26 1.43 1.26 -24.64
N ARG A 27 2.38 1.48 -25.54
CA ARG A 27 2.94 0.45 -26.41
C ARG A 27 4.41 0.34 -26.06
N CYS A 28 4.76 -0.61 -25.17
CA CYS A 28 6.13 -0.78 -24.70
C CYS A 28 6.63 -2.23 -24.77
N SER A 29 7.93 -2.42 -24.48
CA SER A 29 8.64 -3.69 -24.46
C SER A 29 9.51 -3.77 -23.21
N VAL A 30 9.63 -4.96 -22.62
CA VAL A 30 10.41 -5.17 -21.40
C VAL A 30 11.73 -5.90 -21.70
N ASP A 31 12.82 -5.14 -21.92
CA ASP A 31 14.13 -5.76 -22.17
C ASP A 31 14.87 -5.96 -20.85
N PHE A 32 14.91 -7.22 -20.37
CA PHE A 32 15.56 -7.59 -19.10
C PHE A 32 17.08 -7.48 -19.14
N THR A 33 17.69 -7.62 -20.35
CA THR A 33 19.13 -7.50 -20.57
C THR A 33 19.56 -6.04 -20.30
N ARG A 34 18.80 -5.08 -20.88
CA ARG A 34 19.03 -3.65 -20.73
C ARG A 34 18.41 -3.06 -19.44
N ARG A 35 17.43 -3.77 -18.84
CA ARG A 35 16.69 -3.41 -17.61
C ARG A 35 15.91 -2.09 -17.78
N THR A 36 15.32 -1.89 -18.97
CA THR A 36 14.57 -0.69 -19.34
C THR A 36 13.15 -1.04 -19.84
N LEU A 37 12.28 -0.02 -19.98
CA LEU A 37 10.90 -0.15 -20.46
C LEU A 37 10.76 0.67 -21.76
N THR A 38 11.29 0.11 -22.86
CA THR A 38 11.33 0.69 -24.22
C THR A 38 9.92 0.86 -24.79
N GLY A 39 9.40 2.09 -24.82
CA GLY A 39 8.08 2.33 -25.36
C GLY A 39 7.62 3.75 -25.61
N THR A 40 6.40 3.89 -26.16
CA THR A 40 5.74 5.16 -26.51
C THR A 40 4.39 5.28 -25.82
N ALA A 41 4.16 6.39 -25.12
CA ALA A 41 2.91 6.67 -24.41
C ALA A 41 2.07 7.69 -25.18
N ALA A 42 0.82 7.32 -25.53
CA ALA A 42 -0.10 8.20 -26.26
C ALA A 42 -1.15 8.80 -25.33
N LEU A 43 -0.91 10.04 -24.86
CA LEU A 43 -1.77 10.75 -23.93
C LEU A 43 -2.83 11.62 -24.61
N THR A 44 -4.10 11.14 -24.61
CA THR A 44 -5.26 11.83 -25.21
C THR A 44 -5.72 12.96 -24.24
N VAL A 45 -4.83 13.95 -24.07
CA VAL A 45 -4.95 15.08 -23.17
C VAL A 45 -6.00 16.13 -23.64
N GLN A 46 -6.81 16.62 -22.69
CA GLN A 46 -7.87 17.62 -22.88
C GLN A 46 -7.47 18.94 -22.20
N SER A 47 -7.80 20.08 -22.83
CA SER A 47 -7.50 21.41 -22.30
C SER A 47 -8.68 21.97 -21.52
N GLN A 48 -8.42 22.61 -20.37
CA GLN A 48 -9.45 23.21 -19.53
C GLN A 48 -9.32 24.75 -19.44
N GLU A 49 -8.54 25.34 -20.37
CA GLU A 49 -8.26 26.78 -20.49
C GLU A 49 -8.25 27.21 -21.97
N ASP A 50 -8.68 28.45 -22.27
CA ASP A 50 -8.70 28.98 -23.63
C ASP A 50 -7.30 29.47 -24.07
N ASN A 51 -6.88 29.09 -25.29
CA ASN A 51 -5.59 29.41 -25.91
C ASN A 51 -4.39 28.85 -25.10
N LEU A 52 -4.39 27.52 -24.88
CA LEU A 52 -3.32 26.81 -24.16
C LEU A 52 -2.17 26.54 -25.11
N ARG A 53 -1.03 27.20 -24.88
CA ARG A 53 0.16 27.11 -25.72
C ARG A 53 1.16 26.04 -25.28
N SER A 54 1.15 25.66 -23.97
CA SER A 54 2.07 24.65 -23.43
C SER A 54 1.55 23.95 -22.19
N LEU A 55 1.77 22.63 -22.11
CA LEU A 55 1.41 21.81 -20.96
C LEU A 55 2.66 21.17 -20.35
N VAL A 56 2.71 21.11 -19.02
CA VAL A 56 3.85 20.53 -18.28
C VAL A 56 3.46 19.15 -17.76
N LEU A 57 4.40 18.21 -17.78
CA LEU A 57 4.22 16.84 -17.30
C LEU A 57 5.31 16.43 -16.30
N ASP A 58 5.05 15.36 -15.52
CA ASP A 58 5.98 14.84 -14.51
C ASP A 58 6.89 13.74 -15.03
N THR A 59 8.21 13.92 -14.82
CA THR A 59 9.26 12.95 -15.17
C THR A 59 10.17 12.75 -13.97
N LYS A 60 10.95 11.65 -13.98
CA LYS A 60 11.95 11.28 -12.97
C LYS A 60 12.70 10.09 -13.51
N ASP A 61 14.03 10.23 -13.67
CA ASP A 61 14.94 9.21 -14.20
C ASP A 61 14.50 8.75 -15.62
N LEU A 62 14.13 9.72 -16.47
CA LEU A 62 13.68 9.46 -17.85
C LEU A 62 14.51 10.18 -18.90
N THR A 63 14.57 9.59 -20.11
CA THR A 63 15.25 10.12 -21.29
C THR A 63 14.27 10.08 -22.46
N ILE A 64 13.99 11.24 -23.05
CA ILE A 64 13.02 11.37 -24.15
C ILE A 64 13.72 11.46 -25.50
N GLU A 65 13.27 10.62 -26.46
CA GLU A 65 13.80 10.58 -27.82
C GLU A 65 13.07 11.62 -28.69
N LYS A 66 11.72 11.58 -28.69
CA LYS A 66 10.85 12.48 -29.47
C LYS A 66 9.45 12.60 -28.88
N VAL A 67 8.76 13.71 -29.20
CA VAL A 67 7.37 13.96 -28.82
C VAL A 67 6.61 14.16 -30.13
N VAL A 68 5.65 13.27 -30.40
CA VAL A 68 4.89 13.27 -31.66
C VAL A 68 3.42 13.70 -31.43
N ILE A 69 3.08 14.90 -31.91
CA ILE A 69 1.74 15.49 -31.85
C ILE A 69 1.30 15.79 -33.29
N ASN A 70 0.11 15.25 -33.69
CA ASN A 70 -0.50 15.36 -35.02
C ASN A 70 0.34 14.69 -36.14
N GLY A 71 1.31 13.87 -35.73
CA GLY A 71 2.20 13.16 -36.64
C GLY A 71 3.41 13.97 -37.04
N GLN A 72 4.05 14.66 -36.06
CA GLN A 72 5.24 15.49 -36.26
C GLN A 72 6.01 15.73 -34.95
N GLU A 73 7.35 15.88 -35.04
CA GLU A 73 8.25 16.13 -33.91
C GLU A 73 8.04 17.57 -33.39
N VAL A 74 7.82 17.73 -32.07
CA VAL A 74 7.62 19.03 -31.42
C VAL A 74 8.76 19.37 -30.44
N LYS A 75 8.93 20.67 -30.11
CA LYS A 75 9.97 21.14 -29.20
C LYS A 75 9.54 21.04 -27.72
N TYR A 76 10.24 20.17 -26.97
CA TYR A 76 10.02 19.88 -25.55
C TYR A 76 11.21 20.32 -24.71
N ALA A 77 10.95 20.81 -23.49
CA ALA A 77 12.00 21.28 -22.58
C ALA A 77 11.84 20.69 -21.18
N LEU A 78 12.94 20.11 -20.66
CA LEU A 78 12.96 19.49 -19.33
C LEU A 78 13.74 20.38 -18.37
N GLY A 79 13.07 20.79 -17.29
CA GLY A 79 13.65 21.66 -16.26
C GLY A 79 14.66 20.98 -15.36
N GLU A 80 15.11 21.72 -14.33
CA GLU A 80 16.08 21.27 -13.34
C GLU A 80 15.41 20.30 -12.35
N ARG A 81 16.12 19.22 -11.98
CA ARG A 81 15.65 18.18 -11.07
C ARG A 81 15.45 18.66 -9.63
N GLN A 82 14.33 18.26 -9.01
CA GLN A 82 13.98 18.62 -7.64
C GLN A 82 13.68 17.40 -6.78
N SER A 83 14.76 16.77 -6.27
CA SER A 83 14.78 15.60 -5.39
C SER A 83 13.76 14.50 -5.76
N TYR A 84 12.83 14.18 -4.84
CA TYR A 84 11.77 13.17 -4.95
C TYR A 84 10.68 13.51 -5.97
N LYS A 85 10.48 14.82 -6.26
CA LYS A 85 9.47 15.31 -7.21
C LYS A 85 9.84 14.96 -8.65
N GLY A 86 11.13 14.98 -8.95
CA GLY A 86 11.65 14.67 -10.28
C GLY A 86 11.92 15.91 -11.10
N SER A 87 11.57 15.87 -12.39
CA SER A 87 11.78 16.98 -13.32
C SER A 87 10.53 17.40 -14.09
N PRO A 88 10.27 18.72 -14.26
CA PRO A 88 9.10 19.13 -15.05
C PRO A 88 9.40 19.10 -16.55
N MET A 89 8.45 18.59 -17.35
CA MET A 89 8.60 18.49 -18.80
C MET A 89 7.61 19.39 -19.54
N GLU A 90 8.04 20.61 -19.90
CA GLU A 90 7.25 21.59 -20.64
C GLU A 90 7.23 21.19 -22.12
N ILE A 91 6.02 21.00 -22.69
CA ILE A 91 5.88 20.64 -24.10
C ILE A 91 5.16 21.76 -24.84
N SER A 92 5.89 22.41 -25.77
CA SER A 92 5.36 23.52 -26.57
C SER A 92 4.49 22.94 -27.68
N LEU A 93 3.18 23.27 -27.62
CA LEU A 93 2.16 22.80 -28.56
C LEU A 93 2.33 23.41 -29.96
N PRO A 94 1.95 22.70 -31.05
CA PRO A 94 2.09 23.30 -32.39
C PRO A 94 1.10 24.44 -32.62
N ILE A 95 -0.19 24.23 -32.26
CA ILE A 95 -1.25 25.22 -32.39
C ILE A 95 -2.14 25.17 -31.13
N ALA A 96 -2.44 26.36 -30.56
CA ALA A 96 -3.23 26.61 -29.35
C ALA A 96 -4.54 25.82 -29.23
N LEU A 97 -4.93 25.51 -28.00
CA LEU A 97 -6.11 24.71 -27.67
C LEU A 97 -7.25 25.55 -27.11
N SER A 98 -8.49 25.07 -27.32
CA SER A 98 -9.72 25.68 -26.81
C SER A 98 -10.18 24.82 -25.62
N LYS A 99 -11.23 25.26 -24.89
CA LYS A 99 -11.75 24.48 -23.76
C LYS A 99 -12.43 23.20 -24.26
N ASN A 100 -12.16 22.07 -23.57
CA ASN A 100 -12.67 20.73 -23.88
C ASN A 100 -12.20 20.19 -25.27
N GLN A 101 -11.04 20.69 -25.75
CA GLN A 101 -10.45 20.24 -27.02
C GLN A 101 -9.42 19.15 -26.70
N GLU A 102 -9.70 17.92 -27.16
CA GLU A 102 -8.88 16.73 -26.89
C GLU A 102 -7.87 16.44 -27.99
N ILE A 103 -6.57 16.43 -27.63
CA ILE A 103 -5.47 16.12 -28.55
C ILE A 103 -4.57 15.02 -27.97
N VAL A 104 -4.07 14.14 -28.84
CA VAL A 104 -3.17 13.04 -28.47
C VAL A 104 -1.72 13.53 -28.52
N ILE A 105 -0.88 13.04 -27.59
CA ILE A 105 0.55 13.37 -27.46
C ILE A 105 1.33 12.05 -27.31
N GLU A 106 2.01 11.60 -28.39
CA GLU A 106 2.78 10.35 -28.32
C GLU A 106 4.24 10.63 -27.91
N ILE A 107 4.59 10.30 -26.65
CA ILE A 107 5.93 10.53 -26.11
C ILE A 107 6.77 9.23 -26.15
N SER A 108 7.93 9.29 -26.82
CA SER A 108 8.88 8.18 -26.95
C SER A 108 9.87 8.20 -25.77
N PHE A 109 9.40 7.73 -24.63
CA PHE A 109 10.15 7.71 -23.37
C PHE A 109 11.14 6.55 -23.29
N GLU A 110 11.95 6.55 -22.22
CA GLU A 110 12.94 5.53 -21.90
C GLU A 110 13.21 5.60 -20.40
N THR A 111 12.93 4.51 -19.68
CA THR A 111 13.10 4.44 -18.22
C THR A 111 14.57 4.27 -17.79
N SER A 112 14.79 4.19 -16.47
CA SER A 112 16.09 3.99 -15.87
C SER A 112 16.10 2.62 -15.18
N PRO A 113 17.23 1.87 -15.21
CA PRO A 113 17.27 0.58 -14.50
C PRO A 113 17.20 0.76 -12.99
N LYS A 114 17.55 1.98 -12.50
CA LYS A 114 17.53 2.39 -11.10
C LYS A 114 16.34 3.34 -10.82
N SER A 115 15.18 3.03 -11.42
CA SER A 115 13.94 3.80 -11.25
C SER A 115 13.31 3.48 -9.89
N SER A 116 12.74 4.51 -9.23
CA SER A 116 12.12 4.39 -7.91
C SER A 116 10.79 3.62 -7.86
N ALA A 117 10.20 3.33 -9.04
CA ALA A 117 8.94 2.61 -9.14
C ALA A 117 9.11 1.12 -9.42
N LEU A 118 9.89 0.79 -10.46
CA LEU A 118 10.14 -0.58 -10.91
C LEU A 118 11.29 -1.26 -10.16
N GLN A 119 11.12 -2.55 -9.83
CA GLN A 119 12.17 -3.37 -9.22
C GLN A 119 12.46 -4.55 -10.14
N TRP A 120 13.69 -4.57 -10.68
CA TRP A 120 14.17 -5.60 -11.59
C TRP A 120 14.78 -6.74 -10.79
N LEU A 121 14.31 -7.98 -11.04
CA LEU A 121 14.76 -9.15 -10.31
C LEU A 121 15.58 -10.11 -11.14
N THR A 122 16.69 -10.59 -10.55
CA THR A 122 17.63 -11.56 -11.10
C THR A 122 16.96 -12.93 -10.88
N PRO A 123 17.06 -13.93 -11.82
CA PRO A 123 16.43 -15.24 -11.56
C PRO A 123 16.63 -15.84 -10.16
N GLU A 124 17.81 -15.61 -9.53
CA GLU A 124 18.13 -16.07 -8.18
C GLU A 124 17.22 -15.44 -7.09
N GLN A 125 16.80 -14.18 -7.29
CA GLN A 125 15.92 -13.42 -6.39
C GLN A 125 14.48 -13.95 -6.40
N THR A 126 14.08 -14.63 -7.50
CA THR A 126 12.74 -15.21 -7.68
C THR A 126 12.66 -16.64 -7.11
N SER A 127 11.43 -17.10 -6.80
CA SER A 127 11.17 -18.45 -6.29
C SER A 127 10.95 -19.45 -7.45
N GLY A 128 11.73 -19.27 -8.51
CA GLY A 128 11.72 -20.08 -9.73
C GLY A 128 13.11 -20.41 -10.22
N LYS A 129 14.09 -19.54 -9.86
CA LYS A 129 15.54 -19.63 -10.14
C LYS A 129 15.92 -19.74 -11.64
N GLU A 130 14.93 -19.80 -12.56
CA GLU A 130 15.17 -19.94 -13.99
C GLU A 130 14.66 -18.78 -14.85
N HIS A 131 13.89 -17.82 -14.26
CA HIS A 131 13.35 -16.67 -15.00
C HIS A 131 13.37 -15.33 -14.23
N PRO A 132 13.62 -14.18 -14.91
CA PRO A 132 13.58 -12.89 -14.20
C PRO A 132 12.17 -12.40 -13.91
N TYR A 133 12.04 -11.36 -13.06
CA TYR A 133 10.76 -10.78 -12.63
C TYR A 133 10.82 -9.26 -12.56
N LEU A 134 9.70 -8.61 -12.92
CA LEU A 134 9.57 -7.15 -12.88
C LEU A 134 8.22 -6.74 -12.31
N PHE A 135 8.23 -5.76 -11.39
CA PHE A 135 7.02 -5.20 -10.80
C PHE A 135 7.17 -3.72 -10.46
N SER A 136 6.05 -3.00 -10.40
CA SER A 136 6.00 -1.57 -10.09
C SER A 136 5.30 -1.28 -8.75
N GLN A 137 5.27 0.02 -8.41
CA GLN A 137 4.60 0.55 -7.20
C GLN A 137 4.47 2.05 -7.44
N CYS A 138 3.44 2.48 -8.16
CA CYS A 138 3.21 3.87 -8.53
C CYS A 138 2.69 4.75 -7.40
N GLN A 139 2.13 4.13 -6.36
CA GLN A 139 1.65 4.92 -5.20
C GLN A 139 2.87 5.18 -4.33
N ALA A 140 3.20 6.45 -4.12
CA ALA A 140 2.27 7.58 -4.32
C ALA A 140 2.68 8.37 -5.56
N ILE A 141 3.90 8.90 -5.52
CA ILE A 141 4.43 9.69 -6.63
C ILE A 141 5.54 8.94 -7.36
N HIS A 142 5.17 7.83 -8.03
CA HIS A 142 6.14 7.00 -8.74
C HIS A 142 5.71 6.60 -10.17
N CYS A 143 4.58 7.14 -10.67
CA CYS A 143 4.15 6.86 -12.05
C CYS A 143 4.92 7.73 -13.04
N ARG A 144 5.56 8.79 -12.50
CA ARG A 144 6.43 9.75 -13.18
C ARG A 144 7.77 9.09 -13.50
N ALA A 145 8.10 8.03 -12.72
CA ALA A 145 9.32 7.23 -12.84
C ALA A 145 9.19 6.09 -13.86
N ILE A 146 7.97 5.93 -14.45
CA ILE A 146 7.63 4.93 -15.45
C ILE A 146 7.30 5.60 -16.80
N LEU A 147 6.39 6.58 -16.80
CA LEU A 147 5.99 7.30 -18.01
C LEU A 147 5.71 8.78 -17.74
N PRO A 148 5.96 9.71 -18.71
CA PRO A 148 5.64 11.11 -18.46
C PRO A 148 4.12 11.32 -18.45
N CYS A 149 3.58 11.85 -17.34
CA CYS A 149 2.14 12.07 -17.15
C CYS A 149 1.87 13.17 -16.13
N GLN A 150 0.57 13.53 -15.94
CA GLN A 150 0.12 14.49 -14.93
C GLN A 150 0.04 13.68 -13.62
N ASP A 151 1.20 13.50 -12.94
CA ASP A 151 1.25 12.70 -11.71
C ASP A 151 0.62 13.44 -10.52
N THR A 152 -0.72 13.37 -10.48
CA THR A 152 -1.57 13.97 -9.45
C THR A 152 -2.87 13.16 -9.34
N PRO A 153 -3.30 12.80 -8.11
CA PRO A 153 -4.56 12.04 -7.97
C PRO A 153 -5.82 12.91 -8.13
N SER A 154 -5.65 14.15 -8.67
CA SER A 154 -6.69 15.12 -8.97
C SER A 154 -7.22 14.88 -10.40
N VAL A 155 -6.55 13.98 -11.13
CA VAL A 155 -6.86 13.61 -12.51
C VAL A 155 -7.09 12.10 -12.59
N LYS A 156 -8.29 11.71 -13.05
CA LYS A 156 -8.69 10.32 -13.27
C LYS A 156 -8.73 10.08 -14.78
N LEU A 157 -8.00 9.06 -15.24
CA LEU A 157 -7.88 8.74 -16.66
C LEU A 157 -8.08 7.27 -16.99
N THR A 158 -8.48 6.99 -18.24
CA THR A 158 -8.66 5.64 -18.75
C THR A 158 -7.36 5.22 -19.45
N TYR A 159 -7.14 3.91 -19.68
CA TYR A 159 -5.93 3.45 -20.35
C TYR A 159 -6.11 2.09 -21.04
N THR A 160 -5.42 1.92 -22.17
CA THR A 160 -5.33 0.69 -22.97
C THR A 160 -3.85 0.45 -23.22
N ALA A 161 -3.36 -0.79 -23.01
CA ALA A 161 -1.92 -1.05 -23.18
C ALA A 161 -1.56 -2.35 -23.91
N GLU A 162 -0.36 -2.34 -24.53
CA GLU A 162 0.25 -3.46 -25.27
C GLU A 162 1.71 -3.58 -24.83
N VAL A 163 2.08 -4.69 -24.20
CA VAL A 163 3.43 -4.92 -23.66
C VAL A 163 4.12 -6.11 -24.34
N SER A 164 5.33 -5.89 -24.91
CA SER A 164 6.11 -6.91 -25.57
C SER A 164 7.10 -7.55 -24.59
N VAL A 165 6.94 -8.86 -24.35
CA VAL A 165 7.77 -9.63 -23.42
C VAL A 165 8.16 -10.98 -24.04
N PRO A 166 9.25 -11.68 -23.61
CA PRO A 166 9.57 -12.98 -24.21
C PRO A 166 8.44 -14.01 -24.10
N LYS A 167 8.34 -14.93 -25.09
CA LYS A 167 7.30 -15.97 -25.17
C LYS A 167 7.23 -16.89 -23.94
N GLU A 168 8.33 -16.99 -23.18
CA GLU A 168 8.46 -17.79 -21.95
C GLU A 168 7.94 -17.07 -20.66
N LEU A 169 7.43 -15.83 -20.79
CA LEU A 169 6.92 -15.04 -19.64
C LEU A 169 5.46 -14.60 -19.79
N VAL A 170 4.84 -14.18 -18.66
CA VAL A 170 3.46 -13.69 -18.59
C VAL A 170 3.48 -12.22 -18.15
N ALA A 171 2.81 -11.33 -18.91
CA ALA A 171 2.73 -9.91 -18.61
C ALA A 171 1.34 -9.54 -18.14
N LEU A 172 1.24 -8.89 -16.97
CA LEU A 172 -0.02 -8.48 -16.36
C LEU A 172 -0.05 -7.03 -15.89
N MET A 173 -1.20 -6.36 -16.11
CA MET A 173 -1.41 -4.97 -15.74
C MET A 173 -2.66 -4.76 -14.89
N SER A 174 -2.77 -3.57 -14.25
CA SER A 174 -3.93 -3.19 -13.44
C SER A 174 -5.12 -2.81 -14.34
N ALA A 175 -5.62 -3.81 -15.12
CA ALA A 175 -6.71 -3.73 -16.09
C ALA A 175 -7.19 -5.14 -16.49
N ILE A 176 -8.25 -5.24 -17.29
CA ILE A 176 -8.77 -6.52 -17.79
C ILE A 176 -8.09 -6.88 -19.14
N ARG A 177 -7.60 -8.14 -19.27
CA ARG A 177 -6.92 -8.64 -20.46
C ARG A 177 -7.84 -8.76 -21.68
N ASP A 178 -7.33 -8.48 -22.88
CA ASP A 178 -8.10 -8.53 -24.12
C ASP A 178 -7.60 -9.58 -25.12
N GLY A 179 -6.28 -9.64 -25.33
CA GLY A 179 -5.67 -10.57 -26.29
C GLY A 179 -4.34 -11.17 -25.90
N GLU A 180 -3.80 -12.03 -26.81
CA GLU A 180 -2.53 -12.76 -26.67
C GLU A 180 -2.03 -13.20 -28.06
N THR A 181 -1.04 -12.48 -28.62
CA THR A 181 -0.46 -12.74 -29.95
C THR A 181 1.05 -12.49 -29.98
N PRO A 182 1.84 -13.23 -30.82
CA PRO A 182 3.30 -12.98 -30.86
C PRO A 182 3.69 -11.66 -31.55
N ASP A 183 4.90 -11.15 -31.23
CA ASP A 183 5.44 -9.89 -31.77
C ASP A 183 5.83 -9.98 -33.25
N PRO A 184 5.52 -8.95 -34.09
CA PRO A 184 5.86 -9.03 -35.52
C PRO A 184 7.36 -9.00 -35.85
N GLU A 185 8.11 -7.98 -35.36
CA GLU A 185 9.55 -7.90 -35.66
C GLU A 185 10.42 -8.36 -34.47
N ASP A 186 10.04 -9.52 -33.89
CA ASP A 186 10.69 -10.27 -32.80
C ASP A 186 9.90 -11.59 -32.60
N PRO A 187 10.38 -12.75 -33.14
CA PRO A 187 9.59 -13.99 -33.00
C PRO A 187 9.60 -14.61 -31.61
N SER A 188 10.69 -14.40 -30.86
CA SER A 188 10.88 -14.91 -29.50
C SER A 188 10.05 -14.15 -28.44
N ARG A 189 9.20 -13.19 -28.88
CA ARG A 189 8.35 -12.35 -28.03
C ARG A 189 6.84 -12.54 -28.24
N LYS A 190 6.05 -12.11 -27.25
CA LYS A 190 4.60 -12.17 -27.24
C LYS A 190 4.02 -10.84 -26.73
N ILE A 191 3.01 -10.30 -27.43
CA ILE A 191 2.33 -9.05 -27.07
C ILE A 191 1.01 -9.34 -26.37
N TYR A 192 0.86 -8.80 -25.16
CA TYR A 192 -0.33 -8.94 -24.32
C TYR A 192 -1.06 -7.60 -24.28
N LYS A 193 -2.40 -7.64 -24.46
CA LYS A 193 -3.28 -6.45 -24.43
C LYS A 193 -4.00 -6.31 -23.08
N PHE A 194 -4.20 -5.06 -22.62
CA PHE A 194 -4.88 -4.70 -21.38
C PHE A 194 -5.80 -3.51 -21.61
N ILE A 195 -7.04 -3.58 -21.11
CA ILE A 195 -8.03 -2.51 -21.26
C ILE A 195 -8.62 -2.08 -19.90
N GLN A 196 -8.53 -0.78 -19.58
CA GLN A 196 -9.09 -0.20 -18.36
C GLN A 196 -10.09 0.90 -18.75
N LYS A 197 -11.37 0.51 -18.86
CA LYS A 197 -12.47 1.41 -19.25
C LYS A 197 -12.85 2.36 -18.09
N VAL A 198 -12.63 1.91 -16.84
CA VAL A 198 -12.96 2.67 -15.62
C VAL A 198 -11.88 3.73 -15.33
N PRO A 199 -12.24 5.03 -15.20
CA PRO A 199 -11.24 6.07 -14.91
C PRO A 199 -10.49 5.79 -13.62
N ILE A 200 -9.16 5.85 -13.69
CA ILE A 200 -8.29 5.60 -12.54
C ILE A 200 -7.04 6.50 -12.59
N PRO A 201 -6.63 7.12 -11.45
CA PRO A 201 -5.41 7.96 -11.48
C PRO A 201 -4.16 7.17 -11.82
N CYS A 202 -3.09 7.87 -12.23
CA CYS A 202 -1.83 7.27 -12.63
C CYS A 202 -1.16 6.42 -11.53
N TYR A 203 -1.29 6.83 -10.25
CA TYR A 203 -0.70 6.13 -9.10
C TYR A 203 -1.24 4.69 -8.90
N LEU A 204 -2.36 4.35 -9.57
CA LEU A 204 -2.98 3.01 -9.52
C LEU A 204 -2.67 2.15 -10.75
N ILE A 205 -1.82 2.65 -11.69
CA ILE A 205 -1.39 1.91 -12.88
C ILE A 205 -0.19 1.04 -12.45
N ALA A 206 -0.23 -0.27 -12.75
CA ALA A 206 0.87 -1.17 -12.39
C ALA A 206 1.07 -2.29 -13.39
N LEU A 207 2.35 -2.64 -13.62
CA LEU A 207 2.79 -3.70 -14.53
C LEU A 207 3.56 -4.76 -13.73
N VAL A 208 3.41 -6.03 -14.12
CA VAL A 208 4.08 -7.16 -13.50
C VAL A 208 4.38 -8.22 -14.57
N VAL A 209 5.67 -8.55 -14.76
CA VAL A 209 6.13 -9.52 -15.75
C VAL A 209 7.01 -10.58 -15.09
N GLY A 210 6.80 -11.85 -15.49
CA GLY A 210 7.54 -12.99 -14.99
C GLY A 210 6.90 -14.33 -15.30
N ALA A 211 7.52 -15.42 -14.82
CA ALA A 211 7.03 -16.78 -15.01
C ALA A 211 5.86 -17.04 -14.05
N LEU A 212 4.70 -16.43 -14.34
CA LEU A 212 3.47 -16.51 -13.54
C LEU A 212 2.56 -17.65 -14.00
N GLU A 213 1.69 -18.13 -13.10
CA GLU A 213 0.70 -19.18 -13.36
C GLU A 213 -0.57 -18.86 -12.58
N SER A 214 -1.75 -19.14 -13.19
CA SER A 214 -3.04 -18.84 -12.58
C SER A 214 -3.90 -20.05 -12.26
N ARG A 215 -4.74 -19.90 -11.21
CA ARG A 215 -5.72 -20.86 -10.74
C ARG A 215 -6.97 -20.11 -10.29
N GLN A 216 -8.15 -20.60 -10.68
CA GLN A 216 -9.41 -19.99 -10.30
C GLN A 216 -9.79 -20.37 -8.86
N ILE A 217 -10.31 -19.40 -8.08
CA ILE A 217 -10.74 -19.60 -6.71
C ILE A 217 -12.20 -19.12 -6.49
N GLY A 218 -12.91 -18.90 -7.59
CA GLY A 218 -14.29 -18.46 -7.61
C GLY A 218 -14.78 -18.02 -8.98
N PRO A 219 -16.04 -17.54 -9.09
CA PRO A 219 -16.57 -17.12 -10.41
C PRO A 219 -15.92 -15.89 -11.05
N ARG A 220 -15.14 -15.11 -10.29
CA ARG A 220 -14.50 -13.89 -10.79
C ARG A 220 -13.05 -13.66 -10.30
N THR A 221 -12.47 -14.62 -9.54
CA THR A 221 -11.11 -14.46 -9.02
C THR A 221 -10.10 -15.42 -9.63
N LEU A 222 -8.90 -14.89 -9.94
CA LEU A 222 -7.73 -15.61 -10.46
C LEU A 222 -6.53 -15.26 -9.57
N VAL A 223 -5.87 -16.29 -9.01
CA VAL A 223 -4.70 -16.07 -8.15
C VAL A 223 -3.42 -16.34 -8.97
N TRP A 224 -2.56 -15.32 -9.07
CA TRP A 224 -1.33 -15.38 -9.86
C TRP A 224 -0.06 -15.40 -9.02
N SER A 225 0.78 -16.44 -9.27
CA SER A 225 2.08 -16.69 -8.64
CA SER A 225 2.08 -16.68 -8.63
C SER A 225 2.80 -17.80 -9.40
N GLU A 226 4.08 -18.05 -9.06
CA GLU A 226 4.89 -19.09 -9.69
C GLU A 226 4.34 -20.48 -9.32
N LYS A 227 4.55 -21.48 -10.20
CA LYS A 227 4.12 -22.88 -10.11
C LYS A 227 4.18 -23.49 -8.69
N GLU A 228 5.29 -23.26 -7.96
CA GLU A 228 5.50 -23.82 -6.61
C GLU A 228 5.09 -22.85 -5.48
N GLN A 229 4.07 -22.02 -5.74
CA GLN A 229 3.51 -21.05 -4.78
C GLN A 229 1.98 -20.97 -4.90
N VAL A 230 1.42 -21.47 -6.02
CA VAL A 230 -0.01 -21.49 -6.37
C VAL A 230 -0.87 -22.26 -5.35
N GLU A 231 -0.44 -23.48 -4.96
CA GLU A 231 -1.15 -24.38 -4.04
C GLU A 231 -1.59 -23.74 -2.72
N LYS A 232 -0.65 -23.13 -1.97
CA LYS A 232 -1.01 -22.50 -0.69
C LYS A 232 -1.61 -21.10 -0.89
N SER A 233 -1.47 -20.51 -2.10
CA SER A 233 -2.06 -19.21 -2.45
C SER A 233 -3.56 -19.39 -2.63
N ALA A 234 -3.98 -20.56 -3.14
CA ALA A 234 -5.38 -20.91 -3.37
C ALA A 234 -6.14 -21.07 -2.06
N TYR A 235 -5.47 -21.63 -1.03
CA TYR A 235 -6.05 -21.87 0.29
C TYR A 235 -6.12 -20.60 1.14
N GLU A 236 -4.98 -19.90 1.29
CA GLU A 236 -4.85 -18.68 2.10
C GLU A 236 -5.84 -17.57 1.73
N PHE A 237 -6.20 -17.46 0.43
CA PHE A 237 -7.14 -16.45 -0.04
C PHE A 237 -8.42 -17.04 -0.65
N SER A 238 -8.86 -18.21 -0.17
CA SER A 238 -10.06 -18.90 -0.64
C SER A 238 -11.36 -18.19 -0.25
N GLU A 239 -11.30 -17.32 0.78
CA GLU A 239 -12.43 -16.56 1.33
C GLU A 239 -12.71 -15.24 0.60
N THR A 240 -11.93 -14.92 -0.45
CA THR A 240 -12.03 -13.68 -1.26
C THR A 240 -13.42 -13.49 -1.88
N GLU A 241 -13.97 -14.55 -2.53
CA GLU A 241 -15.29 -14.48 -3.17
C GLU A 241 -16.41 -14.10 -2.18
N SER A 242 -16.41 -14.73 -0.98
CA SER A 242 -17.40 -14.46 0.07
CA SER A 242 -17.40 -14.46 0.08
C SER A 242 -17.23 -13.03 0.60
N MET A 243 -15.97 -12.56 0.77
CA MET A 243 -15.59 -11.22 1.23
C MET A 243 -16.12 -10.15 0.28
N LEU A 244 -16.00 -10.38 -1.05
CA LEU A 244 -16.45 -9.49 -2.12
C LEU A 244 -17.96 -9.32 -2.12
N LYS A 245 -18.71 -10.42 -1.85
CA LYS A 245 -20.18 -10.43 -1.77
C LYS A 245 -20.66 -9.61 -0.56
N ILE A 246 -19.90 -9.64 0.55
CA ILE A 246 -20.16 -8.89 1.78
C ILE A 246 -19.87 -7.39 1.53
N ALA A 247 -18.70 -7.08 0.92
CA ALA A 247 -18.22 -5.73 0.59
C ALA A 247 -19.17 -4.98 -0.36
N GLU A 248 -19.89 -5.71 -1.23
CA GLU A 248 -20.86 -5.16 -2.18
C GLU A 248 -22.10 -4.62 -1.46
N ASP A 249 -22.45 -5.23 -0.31
CA ASP A 249 -23.59 -4.81 0.51
C ASP A 249 -23.20 -3.67 1.46
N LEU A 250 -21.93 -3.23 1.38
CA LEU A 250 -21.40 -2.13 2.21
C LEU A 250 -21.13 -0.87 1.39
N GLY A 251 -20.70 -1.02 0.13
CA GLY A 251 -20.39 0.09 -0.76
C GLY A 251 -21.29 0.24 -1.96
N GLY A 252 -21.54 -0.87 -2.63
CA GLY A 252 -22.38 -0.93 -3.83
C GLY A 252 -21.94 -2.02 -4.78
N PRO A 253 -22.38 -1.97 -6.07
CA PRO A 253 -21.97 -3.03 -7.00
C PRO A 253 -20.49 -3.04 -7.33
N TYR A 254 -19.95 -4.22 -7.68
CA TYR A 254 -18.56 -4.38 -8.09
C TYR A 254 -18.52 -4.22 -9.61
N VAL A 255 -18.12 -3.03 -10.08
CA VAL A 255 -18.05 -2.71 -11.52
C VAL A 255 -16.59 -2.57 -11.99
N TRP A 256 -15.90 -3.72 -12.07
CA TRP A 256 -14.51 -3.84 -12.51
C TRP A 256 -14.30 -5.11 -13.35
N GLY A 257 -15.39 -5.87 -13.55
CA GLY A 257 -15.39 -7.09 -14.35
C GLY A 257 -14.83 -8.29 -13.61
N GLN A 258 -13.52 -8.29 -13.36
CA GLN A 258 -12.81 -9.36 -12.66
C GLN A 258 -11.92 -8.82 -11.55
N TYR A 259 -11.83 -9.56 -10.43
CA TYR A 259 -10.98 -9.25 -9.28
C TYR A 259 -9.89 -10.33 -9.22
N ASP A 260 -8.62 -9.93 -9.34
CA ASP A 260 -7.51 -10.89 -9.30
C ASP A 260 -6.53 -10.59 -8.19
N LEU A 261 -5.86 -11.63 -7.69
CA LEU A 261 -4.86 -11.54 -6.63
C LEU A 261 -3.50 -11.95 -7.19
N LEU A 262 -2.49 -11.10 -7.02
CA LEU A 262 -1.14 -11.40 -7.50
C LEU A 262 -0.16 -11.46 -6.35
N VAL A 263 0.37 -12.67 -6.09
CA VAL A 263 1.33 -12.92 -5.03
C VAL A 263 2.74 -12.62 -5.55
N LEU A 264 3.28 -11.46 -5.14
CA LEU A 264 4.60 -10.94 -5.52
C LEU A 264 5.75 -11.75 -4.88
N PRO A 265 7.03 -11.56 -5.30
CA PRO A 265 8.13 -12.24 -4.61
C PRO A 265 8.38 -11.52 -3.27
N PRO A 266 9.16 -12.10 -2.33
CA PRO A 266 9.38 -11.43 -1.03
C PRO A 266 9.65 -9.92 -1.05
N SER A 267 10.50 -9.48 -2.00
CA SER A 267 10.97 -8.11 -2.28
C SER A 267 9.95 -6.96 -2.07
N PHE A 268 8.65 -7.18 -2.44
CA PHE A 268 7.55 -6.20 -2.37
C PHE A 268 7.46 -5.50 -1.00
N PRO A 269 7.47 -4.14 -0.96
CA PRO A 269 7.53 -3.43 0.34
C PRO A 269 6.22 -3.17 1.08
N TYR A 270 5.11 -3.75 0.61
CA TYR A 270 3.82 -3.51 1.26
C TYR A 270 3.02 -4.79 1.42
N GLY A 271 2.17 -4.83 2.44
CA GLY A 271 1.27 -5.94 2.69
C GLY A 271 0.32 -6.14 1.52
N GLY A 272 -0.13 -5.02 0.99
CA GLY A 272 -1.06 -5.02 -0.14
C GLY A 272 -1.14 -3.67 -0.82
N MET A 273 -1.37 -3.66 -2.14
CA MET A 273 -1.53 -2.47 -2.97
C MET A 273 -2.84 -2.56 -3.78
N GLU A 274 -3.68 -1.53 -3.63
CA GLU A 274 -5.03 -1.36 -4.18
C GLU A 274 -5.14 -1.29 -5.72
N ASN A 275 -4.23 -1.94 -6.48
CA ASN A 275 -4.24 -1.93 -7.95
C ASN A 275 -5.52 -2.55 -8.54
N PRO A 276 -6.30 -1.79 -9.35
CA PRO A 276 -7.58 -2.32 -9.88
C PRO A 276 -7.43 -3.52 -10.81
N CYS A 277 -8.44 -4.41 -10.81
CA CYS A 277 -8.56 -5.63 -11.62
C CYS A 277 -7.53 -6.71 -11.23
N LEU A 278 -6.34 -6.30 -10.73
CA LEU A 278 -5.26 -7.17 -10.28
C LEU A 278 -4.53 -6.52 -9.10
N THR A 279 -4.91 -6.90 -7.86
CA THR A 279 -4.32 -6.37 -6.64
C THR A 279 -2.90 -6.93 -6.42
N PHE A 280 -2.08 -6.24 -5.62
CA PHE A 280 -0.71 -6.64 -5.34
C PHE A 280 -0.57 -7.07 -3.87
N VAL A 281 -0.22 -8.34 -3.61
CA VAL A 281 -0.07 -8.85 -2.24
C VAL A 281 1.34 -9.40 -1.98
N THR A 282 1.77 -9.40 -0.70
CA THR A 282 3.08 -9.91 -0.26
C THR A 282 3.00 -11.42 0.04
N PRO A 283 4.07 -12.22 -0.20
CA PRO A 283 3.98 -13.66 0.11
C PRO A 283 4.02 -13.97 1.60
N THR A 284 4.32 -12.94 2.44
CA THR A 284 4.38 -13.06 3.90
C THR A 284 3.01 -13.34 4.49
N LEU A 285 1.93 -12.93 3.77
CA LEU A 285 0.53 -13.15 4.16
C LEU A 285 0.22 -14.62 4.30
N LEU A 286 0.90 -15.46 3.49
CA LEU A 286 0.78 -16.91 3.51
C LEU A 286 1.38 -17.47 4.82
N ALA A 287 0.49 -17.80 5.76
CA ALA A 287 0.85 -18.37 7.06
C ALA A 287 0.38 -19.83 7.12
N GLY A 288 -0.52 -20.19 6.20
CA GLY A 288 -1.10 -21.52 6.07
C GLY A 288 -2.38 -21.75 6.84
N ASP A 289 -2.79 -20.76 7.66
CA ASP A 289 -3.97 -20.84 8.52
C ASP A 289 -5.15 -19.92 8.11
N LYS A 290 -4.91 -18.96 7.19
CA LYS A 290 -5.87 -17.96 6.68
C LYS A 290 -6.13 -16.81 7.70
N SER A 291 -5.18 -16.57 8.63
CA SER A 291 -5.31 -15.52 9.65
C SER A 291 -5.01 -14.13 9.12
N LEU A 292 -4.07 -14.01 8.16
CA LEU A 292 -3.69 -12.73 7.55
C LEU A 292 -4.63 -12.33 6.39
N SER A 293 -5.87 -12.86 6.42
CA SER A 293 -6.93 -12.63 5.43
C SER A 293 -7.51 -11.19 5.44
N ASN A 294 -7.30 -10.44 6.55
CA ASN A 294 -7.76 -9.05 6.69
C ASN A 294 -7.06 -8.11 5.71
N VAL A 295 -5.81 -8.45 5.32
CA VAL A 295 -5.01 -7.68 4.36
C VAL A 295 -5.67 -7.80 2.96
N ILE A 296 -6.40 -8.91 2.74
CA ILE A 296 -7.16 -9.15 1.51
C ILE A 296 -8.44 -8.33 1.60
N ALA A 297 -9.08 -8.33 2.80
CA ALA A 297 -10.29 -7.56 3.11
C ALA A 297 -10.06 -6.05 2.98
N HIS A 298 -8.80 -5.58 3.22
CA HIS A 298 -8.41 -4.19 3.06
C HIS A 298 -8.33 -3.84 1.57
N GLU A 299 -7.68 -4.69 0.76
CA GLU A 299 -7.53 -4.40 -0.67
C GLU A 299 -8.85 -4.58 -1.46
N ILE A 300 -9.79 -5.42 -0.97
CA ILE A 300 -11.11 -5.60 -1.59
C ILE A 300 -11.90 -4.30 -1.39
N SER A 301 -11.93 -3.80 -0.14
CA SER A 301 -12.59 -2.57 0.30
C SER A 301 -12.09 -1.36 -0.46
N HIS A 302 -10.84 -1.42 -0.97
CA HIS A 302 -10.22 -0.34 -1.73
C HIS A 302 -10.86 -0.11 -3.11
N SER A 303 -11.64 -1.10 -3.64
CA SER A 303 -12.35 -1.00 -4.92
C SER A 303 -13.47 0.05 -4.87
N TRP A 304 -13.79 0.54 -3.66
CA TRP A 304 -14.78 1.57 -3.39
C TRP A 304 -14.05 2.83 -2.93
N THR A 305 -13.35 2.76 -1.78
CA THR A 305 -12.56 3.89 -1.26
C THR A 305 -11.15 3.83 -1.82
N GLY A 306 -10.83 4.78 -2.71
CA GLY A 306 -9.52 4.84 -3.36
C GLY A 306 -9.58 4.56 -4.84
N ASN A 307 -10.45 3.60 -5.24
CA ASN A 307 -10.64 3.24 -6.65
C ASN A 307 -11.88 3.91 -7.27
N LEU A 308 -12.80 4.41 -6.42
CA LEU A 308 -13.96 5.17 -6.85
C LEU A 308 -13.86 6.57 -6.24
N VAL A 309 -13.79 6.66 -4.89
CA VAL A 309 -13.62 7.92 -4.16
C VAL A 309 -12.11 8.07 -3.84
N THR A 310 -11.40 8.78 -4.73
CA THR A 310 -9.97 9.01 -4.61
C THR A 310 -9.70 10.39 -3.97
N ASN A 311 -8.53 10.55 -3.34
CA ASN A 311 -8.11 11.81 -2.74
C ASN A 311 -7.64 12.75 -3.86
N LYS A 312 -8.04 14.04 -3.82
CA LYS A 312 -7.65 15.03 -4.83
C LYS A 312 -6.14 15.31 -4.75
N THR A 313 -5.62 15.49 -3.51
CA THR A 313 -4.20 15.72 -3.24
C THR A 313 -3.71 14.69 -2.19
N TRP A 314 -2.42 14.69 -1.87
CA TRP A 314 -1.88 13.63 -0.98
C TRP A 314 -1.98 14.04 0.49
N ASP A 315 -2.38 15.27 0.77
CA ASP A 315 -2.60 15.73 2.15
C ASP A 315 -3.86 15.09 2.73
N HIS A 316 -4.81 14.73 1.84
CA HIS A 316 -6.11 14.12 2.16
C HIS A 316 -6.07 12.60 1.95
N PHE A 317 -4.91 11.99 2.20
CA PHE A 317 -4.74 10.52 1.98
C PHE A 317 -5.61 9.71 2.95
N TRP A 318 -5.84 10.22 4.15
CA TRP A 318 -6.61 9.52 5.17
C TRP A 318 -7.99 9.04 4.64
N LEU A 319 -8.54 9.75 3.62
CA LEU A 319 -9.82 9.43 2.97
C LEU A 319 -9.79 8.08 2.25
N ASN A 320 -8.57 7.62 1.88
CA ASN A 320 -8.34 6.34 1.22
C ASN A 320 -8.32 5.24 2.27
N GLU A 321 -7.18 5.11 2.99
CA GLU A 321 -6.89 4.09 3.99
C GLU A 321 -7.84 4.06 5.20
N GLY A 322 -8.08 5.22 5.83
CA GLY A 322 -8.94 5.36 7.00
C GLY A 322 -10.33 4.76 6.83
N HIS A 323 -11.00 5.08 5.70
CA HIS A 323 -12.33 4.58 5.35
C HIS A 323 -12.29 3.11 4.94
N THR A 324 -11.15 2.68 4.38
CA THR A 324 -10.91 1.31 3.95
C THR A 324 -10.76 0.37 5.18
N VAL A 325 -10.09 0.85 6.25
CA VAL A 325 -9.87 0.13 7.52
C VAL A 325 -11.24 -0.10 8.23
N TYR A 326 -12.21 0.80 7.97
CA TYR A 326 -13.57 0.72 8.48
C TYR A 326 -14.31 -0.45 7.82
N LEU A 327 -14.22 -0.56 6.48
CA LEU A 327 -14.85 -1.63 5.69
C LEU A 327 -14.17 -2.98 5.89
N GLU A 328 -12.82 -2.96 6.07
CA GLU A 328 -11.96 -4.13 6.32
C GLU A 328 -12.41 -4.82 7.61
N ARG A 329 -12.64 -4.02 8.67
CA ARG A 329 -13.10 -4.51 9.98
C ARG A 329 -14.58 -4.87 9.94
N HIS A 330 -15.35 -4.29 8.99
CA HIS A 330 -16.77 -4.60 8.83
C HIS A 330 -16.98 -5.93 8.10
N ILE A 331 -16.05 -6.30 7.20
CA ILE A 331 -16.08 -7.59 6.49
C ILE A 331 -15.78 -8.67 7.54
N CYS A 332 -14.71 -8.46 8.34
CA CYS A 332 -14.30 -9.34 9.43
C CYS A 332 -15.35 -9.36 10.56
N GLY A 333 -16.13 -8.27 10.65
CA GLY A 333 -17.22 -8.10 11.61
C GLY A 333 -18.58 -8.56 11.11
N ARG A 334 -18.59 -9.29 9.98
CA ARG A 334 -19.76 -9.92 9.35
C ARG A 334 -19.41 -11.38 9.10
N LEU A 335 -18.10 -11.70 9.18
CA LEU A 335 -17.55 -13.04 9.00
C LEU A 335 -17.20 -13.71 10.32
N PHE A 336 -16.80 -12.92 11.35
CA PHE A 336 -16.39 -13.46 12.65
C PHE A 336 -17.09 -12.81 13.86
N GLY A 337 -17.98 -11.85 13.61
CA GLY A 337 -18.74 -11.17 14.65
C GLY A 337 -18.21 -9.82 15.08
N GLU A 338 -19.07 -9.06 15.80
CA GLU A 338 -18.76 -7.72 16.34
C GLU A 338 -17.71 -7.77 17.46
N LYS A 339 -17.56 -8.94 18.11
CA LYS A 339 -16.56 -9.17 19.17
C LYS A 339 -15.16 -9.07 18.56
N PHE A 340 -15.01 -9.53 17.30
CA PHE A 340 -13.76 -9.48 16.54
C PHE A 340 -13.52 -8.08 15.98
N ARG A 341 -14.58 -7.40 15.45
CA ARG A 341 -14.50 -6.04 14.90
C ARG A 341 -13.99 -5.05 15.96
N HIS A 342 -14.47 -5.19 17.21
CA HIS A 342 -14.06 -4.37 18.34
C HIS A 342 -12.64 -4.68 18.81
N PHE A 343 -12.22 -5.96 18.70
CA PHE A 343 -10.88 -6.41 19.08
C PHE A 343 -9.84 -5.80 18.15
N ASN A 344 -10.14 -5.80 16.83
CA ASN A 344 -9.29 -5.25 15.78
C ASN A 344 -9.21 -3.74 15.90
N ALA A 345 -10.33 -3.09 16.23
CA ALA A 345 -10.43 -1.64 16.43
C ALA A 345 -9.56 -1.21 17.61
N LEU A 346 -9.51 -2.05 18.68
CA LEU A 346 -8.71 -1.85 19.88
C LEU A 346 -7.22 -2.07 19.56
N GLY A 347 -6.94 -2.98 18.63
CA GLY A 347 -5.59 -3.26 18.15
C GLY A 347 -5.06 -2.08 17.34
N GLY A 348 -5.97 -1.42 16.61
CA GLY A 348 -5.71 -0.24 15.80
C GLY A 348 -5.17 0.92 16.61
N TRP A 349 -5.83 1.23 17.75
CA TRP A 349 -5.40 2.28 18.68
C TRP A 349 -4.01 1.94 19.21
N GLY A 350 -3.77 0.64 19.45
CA GLY A 350 -2.51 0.10 19.92
C GLY A 350 -1.38 0.42 18.96
N GLU A 351 -1.58 0.13 17.65
CA GLU A 351 -0.62 0.43 16.58
C GLU A 351 -0.41 1.94 16.48
N LEU A 352 -1.51 2.72 16.61
CA LEU A 352 -1.50 4.19 16.57
C LEU A 352 -0.64 4.77 17.70
N GLN A 353 -0.77 4.21 18.94
CA GLN A 353 0.03 4.59 20.11
C GLN A 353 1.52 4.39 19.82
N ASN A 354 1.87 3.25 19.18
CA ASN A 354 3.24 2.88 18.80
C ASN A 354 3.83 3.84 17.76
N SER A 355 3.00 4.36 16.83
CA SER A 355 3.45 5.31 15.81
C SER A 355 3.59 6.72 16.36
N VAL A 356 2.67 7.12 17.26
CA VAL A 356 2.66 8.46 17.89
C VAL A 356 3.85 8.59 18.87
N LYS A 357 4.17 7.52 19.64
CA LYS A 357 5.29 7.53 20.58
C LYS A 357 6.65 7.51 19.87
N THR A 358 6.73 6.81 18.71
CA THR A 358 7.95 6.70 17.91
C THR A 358 8.27 8.02 17.19
N PHE A 359 7.33 8.53 16.36
CA PHE A 359 7.50 9.76 15.59
C PHE A 359 7.58 11.03 16.44
N GLY A 360 6.91 11.01 17.60
CA GLY A 360 6.85 12.14 18.51
C GLY A 360 5.45 12.69 18.60
N GLU A 361 5.05 13.16 19.80
CA GLU A 361 3.71 13.70 20.09
C GLU A 361 3.39 14.99 19.32
N THR A 362 4.30 15.99 19.35
CA THR A 362 4.10 17.28 18.68
C THR A 362 4.56 17.29 17.21
N HIS A 363 5.07 16.14 16.71
CA HIS A 363 5.58 15.95 15.36
C HIS A 363 4.53 16.24 14.26
N PRO A 364 4.90 16.92 13.14
CA PRO A 364 3.91 17.22 12.10
C PRO A 364 3.26 16.01 11.42
N PHE A 365 4.00 14.87 11.25
CA PHE A 365 3.46 13.68 10.57
C PHE A 365 2.59 12.77 11.49
N THR A 366 1.91 13.36 12.49
CA THR A 366 0.99 12.68 13.40
C THR A 366 -0.41 13.28 13.26
N LYS A 367 -0.51 14.35 12.45
CA LYS A 367 -1.82 15.00 12.17
C LYS A 367 -2.49 14.21 11.07
N LEU A 368 -3.81 14.33 10.92
CA LEU A 368 -4.56 13.60 9.88
C LEU A 368 -4.42 14.33 8.54
N VAL A 369 -4.29 15.67 8.56
CA VAL A 369 -4.10 16.45 7.34
C VAL A 369 -2.75 17.18 7.48
N VAL A 370 -1.73 16.60 6.86
CA VAL A 370 -0.38 17.18 7.04
C VAL A 370 0.01 18.01 5.83
N ASP A 371 1.04 18.82 5.99
CA ASP A 371 1.49 19.75 4.96
C ASP A 371 2.70 19.12 4.24
N LEU A 372 2.43 18.46 3.09
CA LEU A 372 3.44 17.76 2.27
C LEU A 372 4.28 18.70 1.36
N THR A 373 4.36 19.99 1.73
CA THR A 373 5.17 20.99 1.04
C THR A 373 6.62 20.72 1.46
N ASP A 374 7.49 20.45 0.46
CA ASP A 374 8.93 20.13 0.61
C ASP A 374 9.15 18.79 1.37
N ILE A 375 8.16 17.88 1.35
CA ILE A 375 8.20 16.57 2.04
C ILE A 375 7.79 15.40 1.12
N ASP A 376 8.61 14.31 1.09
CA ASP A 376 8.36 13.10 0.31
C ASP A 376 7.24 12.25 0.96
N PRO A 377 6.14 11.86 0.24
CA PRO A 377 5.07 11.08 0.87
C PRO A 377 5.46 9.68 1.35
N ASP A 378 6.42 9.03 0.67
CA ASP A 378 6.89 7.70 1.05
C ASP A 378 7.60 7.71 2.43
N VAL A 379 8.22 8.85 2.79
CA VAL A 379 8.90 9.04 4.07
C VAL A 379 7.84 9.23 5.18
N ALA A 380 6.87 10.14 4.95
CA ALA A 380 5.78 10.47 5.87
C ALA A 380 4.75 9.35 6.10
N TYR A 381 4.88 8.20 5.38
CA TYR A 381 3.98 7.06 5.53
C TYR A 381 4.17 6.41 6.90
N SER A 382 3.08 6.35 7.67
CA SER A 382 3.04 5.77 9.02
C SER A 382 1.67 5.13 9.31
N SER A 383 1.34 4.93 10.60
CA SER A 383 0.08 4.35 11.06
C SER A 383 -0.99 5.42 11.34
N VAL A 384 -0.65 6.68 11.08
CA VAL A 384 -1.63 7.79 11.30
C VAL A 384 -2.74 7.81 10.25
N PRO A 385 -2.53 7.70 8.92
CA PRO A 385 -3.69 7.80 8.00
C PRO A 385 -4.58 6.55 8.04
N TYR A 386 -4.09 5.51 8.71
CA TYR A 386 -4.82 4.22 8.74
C TYR A 386 -5.64 4.17 10.02
N GLU A 387 -4.97 4.24 11.15
CA GLU A 387 -5.65 4.09 12.43
C GLU A 387 -6.28 5.37 12.99
N LYS A 388 -5.66 6.56 12.78
CA LYS A 388 -6.23 7.82 13.28
C LYS A 388 -7.45 8.22 12.44
N GLY A 389 -7.43 7.85 11.16
CA GLY A 389 -8.51 8.07 10.22
C GLY A 389 -9.71 7.21 10.57
N PHE A 390 -9.45 5.99 11.08
CA PHE A 390 -10.45 5.03 11.54
C PHE A 390 -10.96 5.46 12.92
N ALA A 391 -10.04 5.98 13.77
CA ALA A 391 -10.35 6.47 15.12
C ALA A 391 -11.42 7.55 15.08
N LEU A 392 -11.41 8.37 14.02
CA LEU A 392 -12.38 9.43 13.80
C LEU A 392 -13.74 8.82 13.44
N LEU A 393 -13.76 7.90 12.45
CA LEU A 393 -14.96 7.22 11.96
C LEU A 393 -15.68 6.41 13.03
N PHE A 394 -14.92 5.66 13.84
CA PHE A 394 -15.43 4.82 14.94
C PHE A 394 -16.02 5.68 16.07
N TYR A 395 -15.46 6.88 16.29
CA TYR A 395 -15.92 7.86 17.27
C TYR A 395 -17.26 8.44 16.78
N LEU A 396 -17.32 8.81 15.47
CA LEU A 396 -18.52 9.36 14.82
C LEU A 396 -19.66 8.33 14.87
N GLU A 397 -19.34 7.05 14.61
CA GLU A 397 -20.27 5.92 14.62
C GLU A 397 -20.90 5.74 16.02
N GLN A 398 -20.10 5.89 17.09
CA GLN A 398 -20.54 5.74 18.48
C GLN A 398 -21.16 7.03 19.05
N LEU A 399 -21.54 7.96 18.17
CA LEU A 399 -22.15 9.24 18.50
C LEU A 399 -23.44 9.47 17.71
N LEU A 400 -23.39 9.18 16.40
CA LEU A 400 -24.48 9.36 15.44
C LEU A 400 -25.49 8.19 15.39
N GLY A 401 -25.10 7.06 15.97
CA GLY A 401 -25.93 5.86 16.03
C GLY A 401 -25.13 4.61 16.34
N GLY A 402 -24.92 3.80 15.30
CA GLY A 402 -24.17 2.55 15.38
C GLY A 402 -23.65 2.06 14.04
N PRO A 403 -23.34 0.74 13.94
CA PRO A 403 -22.81 0.20 12.66
C PRO A 403 -23.74 0.35 11.46
N GLU A 404 -25.01 -0.12 11.56
CA GLU A 404 -26.03 -0.06 10.49
C GLU A 404 -26.31 1.36 10.00
N ILE A 405 -26.35 2.33 10.93
CA ILE A 405 -26.61 3.73 10.64
C ILE A 405 -25.42 4.38 9.91
N PHE A 406 -24.18 4.23 10.45
CA PHE A 406 -22.99 4.81 9.83
C PHE A 406 -22.62 4.17 8.49
N LEU A 407 -22.87 2.85 8.32
CA LEU A 407 -22.59 2.17 7.04
C LEU A 407 -23.49 2.72 5.94
N GLY A 408 -24.68 3.19 6.34
CA GLY A 408 -25.68 3.83 5.48
C GLY A 408 -25.19 5.14 4.94
N PHE A 409 -24.34 5.85 5.72
CA PHE A 409 -23.70 7.10 5.30
C PHE A 409 -22.66 6.82 4.23
N LEU A 410 -21.80 5.80 4.45
CA LEU A 410 -20.74 5.40 3.53
C LEU A 410 -21.26 4.92 2.18
N LYS A 411 -22.36 4.14 2.19
CA LYS A 411 -23.03 3.64 0.97
C LYS A 411 -23.47 4.84 0.12
N ALA A 412 -23.94 5.91 0.77
CA ALA A 412 -24.36 7.16 0.13
C ALA A 412 -23.15 8.01 -0.24
N TYR A 413 -22.04 7.92 0.54
CA TYR A 413 -20.79 8.65 0.35
C TYR A 413 -20.05 8.20 -0.91
N VAL A 414 -19.93 6.86 -1.11
CA VAL A 414 -19.30 6.26 -2.29
C VAL A 414 -20.14 6.65 -3.51
N GLU A 415 -21.47 6.56 -3.38
CA GLU A 415 -22.48 6.91 -4.39
C GLU A 415 -22.35 8.38 -4.82
N LYS A 416 -22.19 9.31 -3.86
CA LYS A 416 -22.07 10.75 -4.09
C LYS A 416 -20.78 11.15 -4.84
N PHE A 417 -19.61 10.62 -4.41
CA PHE A 417 -18.32 11.00 -5.00
C PHE A 417 -17.64 9.88 -5.83
N SER A 418 -18.43 9.02 -6.50
CA SER A 418 -17.90 7.95 -7.36
C SER A 418 -17.20 8.53 -8.58
N TYR A 419 -16.10 7.88 -9.02
CA TYR A 419 -15.23 8.26 -10.15
C TYR A 419 -14.61 9.67 -9.96
N LYS A 420 -14.70 10.24 -8.74
CA LYS A 420 -14.23 11.59 -8.42
C LYS A 420 -13.04 11.65 -7.45
N SER A 421 -12.30 12.79 -7.50
CA SER A 421 -11.16 13.11 -6.65
C SER A 421 -11.59 14.18 -5.64
N ILE A 422 -11.63 13.83 -4.33
CA ILE A 422 -12.12 14.74 -3.27
C ILE A 422 -11.11 15.04 -2.14
N THR A 423 -11.34 16.17 -1.43
CA THR A 423 -10.55 16.65 -0.29
C THR A 423 -11.32 16.41 1.02
N THR A 424 -10.70 16.71 2.18
CA THR A 424 -11.32 16.53 3.51
C THR A 424 -12.49 17.52 3.68
N ASP A 425 -12.41 18.69 3.01
CA ASP A 425 -13.45 19.73 3.02
C ASP A 425 -14.75 19.22 2.36
N ASP A 426 -14.62 18.39 1.31
CA ASP A 426 -15.73 17.79 0.57
C ASP A 426 -16.45 16.70 1.36
N TRP A 427 -15.70 15.96 2.19
CA TRP A 427 -16.20 14.88 3.04
C TRP A 427 -17.01 15.43 4.22
N LYS A 428 -16.48 16.47 4.90
CA LYS A 428 -17.11 17.15 6.05
C LYS A 428 -18.45 17.77 5.69
N ASP A 429 -18.60 18.30 4.45
CA ASP A 429 -19.85 18.87 3.94
C ASP A 429 -20.91 17.77 3.81
N PHE A 430 -20.53 16.61 3.23
CA PHE A 430 -21.43 15.46 3.06
C PHE A 430 -21.75 14.77 4.40
N LEU A 431 -20.80 14.80 5.37
CA LEU A 431 -20.99 14.25 6.73
C LEU A 431 -22.02 15.11 7.48
N TYR A 432 -22.16 16.38 7.09
CA TYR A 432 -23.10 17.34 7.64
C TYR A 432 -24.40 17.42 6.84
N SER A 433 -24.36 16.97 5.56
CA SER A 433 -25.52 16.95 4.67
C SER A 433 -26.33 15.67 4.85
N TYR A 434 -25.66 14.51 5.05
CA TYR A 434 -26.31 13.23 5.27
C TYR A 434 -26.98 13.21 6.65
N PHE A 435 -26.24 13.66 7.69
CA PHE A 435 -26.75 13.75 9.06
C PHE A 435 -27.20 15.19 9.32
N LYS A 436 -28.16 15.67 8.51
CA LYS A 436 -28.69 17.05 8.59
C LYS A 436 -29.57 17.29 9.83
N ASP A 437 -29.99 16.21 10.52
CA ASP A 437 -30.83 16.27 11.73
C ASP A 437 -29.99 16.06 13.00
N LYS A 438 -28.85 15.39 12.86
CA LYS A 438 -27.93 15.09 13.96
C LYS A 438 -26.69 16.01 13.90
N VAL A 439 -26.88 17.28 13.47
CA VAL A 439 -25.82 18.29 13.35
C VAL A 439 -25.35 18.70 14.75
N ASP A 440 -26.27 18.69 15.74
CA ASP A 440 -26.01 19.00 17.15
C ASP A 440 -24.92 18.11 17.73
N VAL A 441 -24.94 16.81 17.36
CA VAL A 441 -23.97 15.78 17.78
C VAL A 441 -22.63 16.03 17.06
N LEU A 442 -22.69 16.38 15.75
CA LEU A 442 -21.53 16.67 14.89
C LEU A 442 -20.75 17.91 15.35
N ASN A 443 -21.46 18.91 15.93
CA ASN A 443 -20.88 20.16 16.42
C ASN A 443 -20.12 19.99 17.75
N GLN A 444 -20.41 18.92 18.50
CA GLN A 444 -19.75 18.59 19.78
C GLN A 444 -18.29 18.16 19.53
N VAL A 445 -18.00 17.66 18.32
CA VAL A 445 -16.72 17.14 17.83
C VAL A 445 -15.70 18.28 17.58
N ASP A 446 -14.53 18.25 18.27
CA ASP A 446 -13.44 19.23 18.09
C ASP A 446 -12.78 18.92 16.74
N TRP A 447 -12.97 19.80 15.74
CA TRP A 447 -12.48 19.55 14.39
C TRP A 447 -10.98 19.78 14.21
N ASN A 448 -10.41 20.86 14.78
CA ASN A 448 -8.98 21.14 14.66
C ASN A 448 -8.10 20.11 15.40
N ALA A 449 -8.64 19.47 16.46
CA ALA A 449 -7.94 18.47 17.27
C ALA A 449 -7.76 17.09 16.60
N TRP A 450 -8.74 16.69 15.77
CA TRP A 450 -8.70 15.40 15.07
C TRP A 450 -8.04 15.52 13.71
N LEU A 451 -8.23 16.65 13.02
CA LEU A 451 -7.72 16.87 11.66
C LEU A 451 -6.36 17.55 11.53
N TYR A 452 -6.10 18.62 12.31
CA TYR A 452 -4.89 19.42 12.17
C TYR A 452 -3.93 19.41 13.38
N SER A 453 -4.33 18.78 14.50
CA SER A 453 -3.48 18.75 15.69
C SER A 453 -2.63 17.46 15.82
N PRO A 454 -1.34 17.59 16.25
CA PRO A 454 -0.50 16.39 16.39
C PRO A 454 -0.80 15.58 17.65
N GLY A 455 -0.23 14.37 17.72
CA GLY A 455 -0.40 13.44 18.83
C GLY A 455 -1.66 12.62 18.77
N LEU A 456 -1.99 11.97 19.89
CA LEU A 456 -3.17 11.13 20.05
C LEU A 456 -4.48 11.94 19.90
N PRO A 457 -5.56 11.35 19.35
CA PRO A 457 -6.83 12.10 19.25
C PRO A 457 -7.39 12.45 20.64
N PRO A 458 -8.12 13.58 20.80
CA PRO A 458 -8.63 13.94 22.14
C PRO A 458 -9.64 12.98 22.77
N ILE A 459 -10.33 12.16 21.95
CA ILE A 459 -11.32 11.19 22.44
C ILE A 459 -10.92 9.75 22.06
N LYS A 460 -10.90 8.86 23.06
CA LYS A 460 -10.61 7.44 22.92
C LYS A 460 -11.99 6.73 22.95
N PRO A 461 -12.45 6.13 21.83
CA PRO A 461 -13.78 5.50 21.83
C PRO A 461 -13.92 4.25 22.70
N ASN A 462 -15.16 3.76 22.88
CA ASN A 462 -15.46 2.58 23.69
C ASN A 462 -15.39 1.29 22.87
N TYR A 463 -14.45 0.39 23.23
CA TYR A 463 -14.24 -0.89 22.56
C TYR A 463 -14.68 -2.06 23.44
N ASP A 464 -15.25 -3.11 22.82
CA ASP A 464 -15.67 -4.34 23.50
C ASP A 464 -14.38 -5.14 23.80
N MET A 465 -14.04 -5.27 25.10
CA MET A 465 -12.82 -5.90 25.60
C MET A 465 -12.88 -7.44 25.74
N THR A 466 -14.01 -8.07 25.37
CA THR A 466 -14.29 -9.52 25.44
C THR A 466 -13.12 -10.41 24.93
N LEU A 467 -12.60 -10.13 23.73
CA LEU A 467 -11.50 -10.90 23.14
C LEU A 467 -10.11 -10.36 23.55
N THR A 468 -10.00 -9.03 23.72
CA THR A 468 -8.75 -8.34 24.04
C THR A 468 -8.21 -8.59 25.46
N ASN A 469 -9.10 -8.73 26.47
CA ASN A 469 -8.72 -8.92 27.89
C ASN A 469 -7.75 -10.06 28.17
N ALA A 470 -7.92 -11.21 27.49
CA ALA A 470 -7.05 -12.39 27.65
C ALA A 470 -5.61 -12.08 27.28
N CYS A 471 -5.41 -11.33 26.16
CA CYS A 471 -4.12 -10.89 25.65
C CYS A 471 -3.44 -9.98 26.68
N ILE A 472 -4.20 -9.02 27.26
CA ILE A 472 -3.75 -8.08 28.28
C ILE A 472 -3.40 -8.83 29.58
N ALA A 473 -4.21 -9.84 29.96
CA ALA A 473 -3.99 -10.66 31.17
C ALA A 473 -2.65 -11.39 31.11
N LEU A 474 -2.32 -12.02 29.96
CA LEU A 474 -1.06 -12.74 29.77
C LEU A 474 0.11 -11.78 29.61
N SER A 475 -0.13 -10.59 29.02
CA SER A 475 0.87 -9.53 28.83
C SER A 475 1.28 -9.02 30.21
N GLN A 476 0.30 -8.58 31.03
CA GLN A 476 0.51 -8.06 32.38
C GLN A 476 1.13 -9.08 33.31
N ARG A 477 0.88 -10.40 33.06
CA ARG A 477 1.43 -11.52 33.83
C ARG A 477 2.97 -11.54 33.73
N TRP A 478 3.53 -11.31 32.52
CA TRP A 478 4.96 -11.27 32.24
C TRP A 478 5.67 -10.04 32.77
N ILE A 479 5.10 -8.85 32.50
CA ILE A 479 5.62 -7.55 32.93
C ILE A 479 5.75 -7.48 34.47
N THR A 480 4.73 -7.98 35.21
CA THR A 480 4.73 -8.02 36.68
C THR A 480 5.58 -9.17 37.27
N ALA A 481 5.86 -10.22 36.48
CA ALA A 481 6.61 -11.41 36.92
C ALA A 481 8.07 -11.14 37.29
N LYS A 482 8.51 -11.77 38.38
CA LYS A 482 9.88 -11.69 38.90
C LYS A 482 10.64 -12.97 38.55
N GLU A 483 11.83 -13.18 39.15
CA GLU A 483 12.68 -14.35 38.88
C GLU A 483 12.03 -15.67 39.31
N ASP A 484 11.41 -15.72 40.50
CA ASP A 484 10.76 -16.90 41.04
C ASP A 484 9.42 -17.22 40.36
N ASP A 485 8.78 -16.20 39.76
CA ASP A 485 7.49 -16.27 39.07
C ASP A 485 7.55 -16.96 37.71
N LEU A 486 8.72 -16.91 37.02
CA LEU A 486 8.95 -17.46 35.67
C LEU A 486 8.62 -18.96 35.52
N ASN A 487 8.65 -19.73 36.61
CA ASN A 487 8.34 -21.17 36.60
C ASN A 487 6.83 -21.48 36.51
N SER A 488 5.96 -20.47 36.76
CA SER A 488 4.49 -20.59 36.68
C SER A 488 4.00 -20.66 35.24
N PHE A 489 4.75 -20.07 34.29
CA PHE A 489 4.43 -20.02 32.87
C PHE A 489 4.70 -21.36 32.17
N ASN A 490 3.65 -21.94 31.57
CA ASN A 490 3.69 -23.22 30.87
C ASN A 490 3.06 -23.09 29.47
N ALA A 491 3.06 -24.18 28.67
CA ALA A 491 2.43 -24.19 27.34
C ALA A 491 0.88 -24.10 27.49
N THR A 492 0.38 -24.33 28.73
CA THR A 492 -1.02 -24.27 29.16
C THR A 492 -1.57 -22.84 29.03
N ASP A 493 -0.68 -21.83 29.22
CA ASP A 493 -0.97 -20.39 29.15
C ASP A 493 -1.72 -19.99 27.88
N LEU A 494 -1.27 -20.51 26.71
CA LEU A 494 -1.87 -20.20 25.40
C LEU A 494 -2.69 -21.38 24.81
N LYS A 495 -3.32 -22.19 25.67
CA LYS A 495 -4.13 -23.33 25.22
C LYS A 495 -5.53 -22.90 24.70
N ASP A 496 -5.88 -21.62 24.89
CA ASP A 496 -7.15 -21.05 24.44
C ASP A 496 -6.98 -19.78 23.57
N LEU A 497 -5.76 -19.20 23.58
CA LEU A 497 -5.44 -17.99 22.82
C LEU A 497 -5.24 -18.28 21.32
N SER A 498 -6.01 -17.58 20.47
CA SER A 498 -5.97 -17.71 19.01
C SER A 498 -4.70 -17.07 18.43
N SER A 499 -4.49 -17.18 17.10
CA SER A 499 -3.34 -16.61 16.40
C SER A 499 -3.34 -15.07 16.49
N HIS A 500 -4.52 -14.45 16.40
CA HIS A 500 -4.71 -13.00 16.50
C HIS A 500 -4.47 -12.55 17.95
N GLN A 501 -4.95 -13.35 18.92
CA GLN A 501 -4.80 -13.10 20.36
C GLN A 501 -3.36 -13.31 20.82
N LEU A 502 -2.60 -14.19 20.14
CA LEU A 502 -1.20 -14.46 20.42
C LEU A 502 -0.35 -13.28 19.93
N ASN A 503 -0.73 -12.71 18.77
CA ASN A 503 -0.09 -11.55 18.16
C ASN A 503 -0.36 -10.30 19.01
N GLU A 504 -1.60 -10.17 19.53
CA GLU A 504 -2.03 -9.05 20.37
C GLU A 504 -1.27 -9.06 21.70
N PHE A 505 -1.02 -10.26 22.28
CA PHE A 505 -0.25 -10.43 23.52
C PHE A 505 1.19 -9.97 23.31
N LEU A 506 1.79 -10.29 22.14
CA LEU A 506 3.16 -9.89 21.79
C LEU A 506 3.25 -8.40 21.58
N ALA A 507 2.22 -7.81 20.94
CA ALA A 507 2.13 -6.38 20.66
C ALA A 507 2.02 -5.57 21.96
N GLN A 508 1.23 -6.07 22.93
CA GLN A 508 1.02 -5.46 24.24
C GLN A 508 2.31 -5.48 25.07
N THR A 509 3.07 -6.60 24.99
CA THR A 509 4.34 -6.79 25.71
C THR A 509 5.45 -5.87 25.17
N LEU A 510 5.51 -5.71 23.83
CA LEU A 510 6.47 -4.90 23.08
C LEU A 510 6.37 -3.39 23.40
N GLN A 511 5.18 -2.92 23.84
CA GLN A 511 4.94 -1.54 24.25
C GLN A 511 5.63 -1.26 25.58
N ARG A 512 5.82 -2.33 26.39
CA ARG A 512 6.48 -2.29 27.69
C ARG A 512 7.90 -2.91 27.66
N ALA A 513 8.39 -3.29 26.45
CA ALA A 513 9.72 -3.84 26.22
C ALA A 513 10.78 -2.73 26.39
N PRO A 514 12.04 -3.02 26.81
CA PRO A 514 12.64 -4.32 27.10
C PRO A 514 12.33 -4.92 28.47
N LEU A 515 12.29 -6.25 28.50
CA LEU A 515 12.03 -7.06 29.68
C LEU A 515 13.34 -7.79 30.06
N PRO A 516 13.51 -8.32 31.30
CA PRO A 516 14.76 -9.02 31.64
C PRO A 516 15.08 -10.14 30.65
N LEU A 517 16.39 -10.39 30.42
CA LEU A 517 16.82 -11.41 29.48
C LEU A 517 16.32 -12.83 29.82
N GLY A 518 16.13 -13.12 31.11
CA GLY A 518 15.61 -14.39 31.60
C GLY A 518 14.15 -14.62 31.28
N HIS A 519 13.37 -13.52 31.17
CA HIS A 519 11.94 -13.51 30.84
C HIS A 519 11.75 -13.98 29.40
N ILE A 520 12.52 -13.37 28.48
CA ILE A 520 12.53 -13.64 27.05
C ILE A 520 12.95 -15.10 26.77
N LYS A 521 14.06 -15.55 27.40
CA LYS A 521 14.61 -16.90 27.28
C LYS A 521 13.57 -17.94 27.67
N ARG A 522 12.84 -17.70 28.79
CA ARG A 522 11.80 -18.57 29.33
C ARG A 522 10.62 -18.72 28.37
N MET A 523 10.18 -17.62 27.73
CA MET A 523 9.07 -17.58 26.77
C MET A 523 9.24 -18.63 25.68
N GLN A 524 10.45 -18.70 25.09
CA GLN A 524 10.81 -19.66 24.05
C GLN A 524 10.87 -21.11 24.60
N GLU A 525 11.30 -21.27 25.86
CA GLU A 525 11.40 -22.58 26.52
C GLU A 525 10.03 -23.27 26.76
N VAL A 526 8.93 -22.48 26.86
CA VAL A 526 7.58 -23.01 27.11
C VAL A 526 6.61 -22.85 25.92
N TYR A 527 6.69 -21.74 25.17
CA TYR A 527 5.79 -21.48 24.05
C TYR A 527 6.35 -21.86 22.68
N ASN A 528 7.69 -21.83 22.53
CA ASN A 528 8.43 -22.13 21.29
C ASN A 528 8.02 -21.18 20.13
N PHE A 529 8.16 -19.86 20.39
CA PHE A 529 7.84 -18.77 19.46
C PHE A 529 8.69 -18.75 18.18
N ASN A 530 9.89 -19.36 18.21
CA ASN A 530 10.78 -19.43 17.05
C ASN A 530 10.24 -20.39 15.99
N ALA A 531 9.56 -21.46 16.42
CA ALA A 531 8.97 -22.51 15.58
C ALA A 531 7.83 -22.02 14.69
N ILE A 532 7.06 -21.03 15.15
CA ILE A 532 5.91 -20.45 14.43
C ILE A 532 6.35 -19.83 13.10
N ASN A 533 5.55 -20.01 12.03
CA ASN A 533 5.83 -19.46 10.70
C ASN A 533 4.93 -18.25 10.35
N ASN A 534 4.20 -17.72 11.36
CA ASN A 534 3.33 -16.56 11.18
C ASN A 534 4.19 -15.29 11.17
N SER A 535 4.27 -14.66 9.98
CA SER A 535 5.04 -13.45 9.68
C SER A 535 4.77 -12.26 10.61
N GLU A 536 3.57 -12.21 11.22
CA GLU A 536 3.16 -11.14 12.13
C GLU A 536 3.61 -11.44 13.55
N ILE A 537 3.45 -12.72 13.98
CA ILE A 537 3.83 -13.22 15.30
C ILE A 537 5.36 -13.23 15.43
N ARG A 538 6.07 -13.76 14.39
CA ARG A 538 7.53 -13.84 14.34
C ARG A 538 8.20 -12.46 14.40
N PHE A 539 7.63 -11.48 13.71
CA PHE A 539 8.13 -10.11 13.65
C PHE A 539 8.25 -9.47 15.03
N ARG A 540 7.13 -9.35 15.77
CA ARG A 540 7.08 -8.74 17.10
C ARG A 540 7.94 -9.47 18.13
N TRP A 541 7.97 -10.81 18.06
CA TRP A 541 8.78 -11.66 18.94
C TRP A 541 10.27 -11.40 18.73
N LEU A 542 10.72 -11.27 17.47
CA LEU A 542 12.11 -10.97 17.13
C LEU A 542 12.51 -9.60 17.65
N ARG A 543 11.62 -8.59 17.50
CA ARG A 543 11.80 -7.22 18.01
C ARG A 543 11.98 -7.25 19.54
N LEU A 544 11.10 -8.01 20.24
CA LEU A 544 11.09 -8.19 21.70
C LEU A 544 12.43 -8.71 22.24
N CYS A 545 13.06 -9.67 21.54
CA CYS A 545 14.36 -10.24 21.93
C CYS A 545 15.51 -9.25 21.74
N ILE A 546 15.58 -8.59 20.55
CA ILE A 546 16.63 -7.63 20.18
C ILE A 546 16.61 -6.38 21.08
N GLN A 547 15.39 -5.92 21.45
CA GLN A 547 15.22 -4.77 22.36
C GLN A 547 15.70 -5.16 23.76
N SER A 548 15.44 -6.42 24.16
CA SER A 548 15.81 -6.98 25.47
C SER A 548 17.27 -7.50 25.56
N LYS A 549 18.04 -7.36 24.45
CA LYS A 549 19.45 -7.73 24.28
C LYS A 549 19.75 -9.25 24.21
N TRP A 550 18.99 -10.00 23.39
CA TRP A 550 19.25 -11.45 23.23
C TRP A 550 20.13 -11.72 22.02
N GLU A 551 21.37 -12.18 22.28
CA GLU A 551 22.36 -12.49 21.26
C GLU A 551 22.01 -13.71 20.40
N ASP A 552 21.18 -14.64 20.91
CA ASP A 552 20.74 -15.82 20.15
C ASP A 552 19.77 -15.44 19.02
N ALA A 553 19.04 -14.32 19.17
CA ALA A 553 18.06 -13.82 18.20
C ALA A 553 18.66 -13.05 17.03
N ILE A 554 19.90 -12.51 17.16
CA ILE A 554 20.61 -11.75 16.12
C ILE A 554 20.59 -12.50 14.74
N PRO A 555 21.01 -13.80 14.62
CA PRO A 555 20.95 -14.46 13.31
C PRO A 555 19.55 -14.54 12.72
N LEU A 556 18.53 -14.85 13.56
CA LEU A 556 17.13 -14.95 13.15
C LEU A 556 16.56 -13.59 12.72
N ALA A 557 16.84 -12.52 13.49
CA ALA A 557 16.38 -11.15 13.23
C ALA A 557 16.90 -10.61 11.89
N LEU A 558 18.20 -10.83 11.59
CA LEU A 558 18.82 -10.41 10.34
C LEU A 558 18.21 -11.20 9.18
N LYS A 559 18.05 -12.53 9.36
CA LYS A 559 17.48 -13.46 8.37
C LYS A 559 16.07 -13.07 7.94
N MET A 560 15.19 -12.67 8.89
CA MET A 560 13.82 -12.25 8.59
C MET A 560 13.78 -10.99 7.72
N ALA A 561 14.75 -10.06 7.90
CA ALA A 561 14.85 -8.82 7.12
C ALA A 561 15.34 -9.06 5.67
N THR A 562 16.04 -10.19 5.43
CA THR A 562 16.55 -10.58 4.11
C THR A 562 15.57 -11.53 3.42
N GLU A 563 14.81 -12.30 4.25
CA GLU A 563 13.78 -13.28 3.89
C GLU A 563 12.63 -12.63 3.09
N GLN A 564 12.31 -11.36 3.40
CA GLN A 564 11.22 -10.60 2.80
C GLN A 564 11.59 -9.11 2.55
N GLY A 565 10.73 -8.39 1.82
CA GLY A 565 10.92 -6.99 1.48
C GLY A 565 9.92 -6.00 2.06
N ARG A 566 8.89 -6.48 2.78
CA ARG A 566 7.85 -5.66 3.42
C ARG A 566 8.45 -4.71 4.46
N MET A 567 8.27 -3.39 4.24
CA MET A 567 8.80 -2.33 5.13
C MET A 567 8.15 -2.29 6.50
N LYS A 568 6.99 -2.95 6.66
CA LYS A 568 6.26 -3.08 7.92
C LYS A 568 7.05 -3.94 8.91
N PHE A 569 7.94 -4.83 8.39
CA PHE A 569 8.78 -5.74 9.17
C PHE A 569 10.30 -5.50 9.08
N THR A 570 10.83 -5.19 7.87
CA THR A 570 12.28 -4.98 7.64
C THR A 570 12.85 -3.73 8.34
N ARG A 571 12.19 -2.55 8.14
CA ARG A 571 12.61 -1.28 8.74
C ARG A 571 12.72 -1.35 10.27
N PRO A 572 11.72 -1.86 11.03
CA PRO A 572 11.89 -1.97 12.49
C PRO A 572 13.12 -2.79 12.89
N LEU A 573 13.30 -3.99 12.29
CA LEU A 573 14.41 -4.94 12.53
C LEU A 573 15.80 -4.31 12.35
N PHE A 574 16.04 -3.70 11.17
CA PHE A 574 17.31 -3.03 10.86
C PHE A 574 17.60 -1.80 11.74
N LYS A 575 16.55 -1.21 12.33
CA LYS A 575 16.66 -0.05 13.24
C LYS A 575 16.91 -0.59 14.66
N ASP A 576 16.26 -1.72 15.03
CA ASP A 576 16.39 -2.40 16.32
C ASP A 576 17.82 -2.89 16.54
N LEU A 577 18.38 -3.62 15.54
CA LEU A 577 19.74 -4.15 15.55
C LEU A 577 20.79 -3.03 15.50
N ALA A 578 20.43 -1.84 14.97
CA ALA A 578 21.31 -0.68 14.91
C ALA A 578 21.45 -0.04 16.29
N ALA A 579 20.39 -0.14 17.13
CA ALA A 579 20.38 0.37 18.51
C ALA A 579 21.14 -0.60 19.41
N PHE A 580 21.01 -1.91 19.14
CA PHE A 580 21.64 -2.99 19.87
C PHE A 580 23.13 -3.13 19.53
N ASP A 581 23.98 -2.85 20.53
CA ASP A 581 25.45 -2.82 20.50
C ASP A 581 26.14 -3.99 19.79
N LYS A 582 25.73 -5.25 20.08
CA LYS A 582 26.32 -6.48 19.54
C LYS A 582 25.83 -6.84 18.12
N SER A 583 25.14 -5.91 17.44
CA SER A 583 24.60 -6.13 16.09
C SER A 583 24.68 -4.90 15.17
N HIS A 584 25.04 -3.73 15.74
CA HIS A 584 25.18 -2.44 15.03
C HIS A 584 26.03 -2.55 13.75
N ASP A 585 27.12 -3.33 13.80
CA ASP A 585 28.03 -3.57 12.68
C ASP A 585 27.38 -4.48 11.63
N GLN A 586 26.73 -5.59 12.07
CA GLN A 586 26.05 -6.57 11.21
C GLN A 586 24.86 -5.94 10.50
N ALA A 587 24.12 -5.05 11.19
CA ALA A 587 22.95 -4.33 10.68
C ALA A 587 23.34 -3.46 9.47
N VAL A 588 24.49 -2.76 9.58
CA VAL A 588 25.06 -1.91 8.55
C VAL A 588 25.67 -2.78 7.43
N ARG A 589 26.45 -3.82 7.82
CA ARG A 589 27.10 -4.77 6.91
C ARG A 589 26.12 -5.49 5.99
N THR A 590 24.94 -5.89 6.52
CA THR A 590 23.90 -6.57 5.76
C THR A 590 23.21 -5.62 4.77
N TYR A 591 22.99 -4.33 5.17
CA TYR A 591 22.38 -3.31 4.31
C TYR A 591 23.18 -3.08 3.04
N GLN A 592 24.48 -2.75 3.18
CA GLN A 592 25.38 -2.48 2.06
C GLN A 592 25.67 -3.71 1.20
N GLU A 593 25.63 -4.94 1.78
CA GLU A 593 25.87 -6.16 1.00
C GLU A 593 24.60 -6.64 0.28
N HIS A 594 23.41 -6.18 0.72
CA HIS A 594 22.12 -6.52 0.12
C HIS A 594 21.44 -5.33 -0.60
N LYS A 595 22.12 -4.15 -0.64
CA LYS A 595 21.64 -2.90 -1.25
C LYS A 595 21.27 -3.06 -2.72
N ALA A 596 22.06 -3.85 -3.47
CA ALA A 596 21.85 -4.12 -4.90
C ALA A 596 20.55 -4.90 -5.13
N SER A 597 20.33 -5.97 -4.33
CA SER A 597 19.16 -6.87 -4.39
C SER A 597 17.87 -6.23 -3.87
N MET A 598 17.99 -5.17 -3.04
CA MET A 598 16.89 -4.41 -2.44
C MET A 598 15.97 -3.67 -3.42
N HIS A 599 14.83 -3.16 -2.90
CA HIS A 599 13.84 -2.40 -3.65
C HIS A 599 14.21 -0.90 -3.56
N PRO A 600 14.08 -0.11 -4.66
CA PRO A 600 14.45 1.31 -4.60
C PRO A 600 13.74 2.18 -3.57
N VAL A 601 12.65 1.67 -2.98
CA VAL A 601 11.89 2.36 -1.93
C VAL A 601 12.38 1.83 -0.58
N THR A 602 12.53 0.48 -0.46
CA THR A 602 13.00 -0.24 0.73
C THR A 602 14.41 0.20 1.12
N ALA A 603 15.35 0.20 0.15
CA ALA A 603 16.75 0.62 0.34
C ALA A 603 16.86 2.09 0.73
N MET A 604 16.00 2.97 0.15
CA MET A 604 15.98 4.40 0.39
C MET A 604 15.65 4.72 1.84
N LEU A 605 14.54 4.17 2.36
CA LEU A 605 14.05 4.42 3.71
C LEU A 605 14.89 3.74 4.78
N VAL A 606 15.36 2.49 4.55
CA VAL A 606 16.21 1.76 5.49
C VAL A 606 17.55 2.49 5.71
N GLY A 607 18.16 2.93 4.62
CA GLY A 607 19.42 3.69 4.61
C GLY A 607 19.43 4.89 5.52
N LYS A 608 18.37 5.73 5.46
CA LYS A 608 18.22 6.92 6.29
C LYS A 608 18.04 6.60 7.78
N ASP A 609 17.29 5.52 8.09
CA ASP A 609 17.04 5.06 9.46
C ASP A 609 18.30 4.49 10.13
N LEU A 610 19.26 4.00 9.31
CA LEU A 610 20.55 3.44 9.72
C LEU A 610 21.64 4.52 9.68
N LYS A 611 21.29 5.72 9.16
CA LYS A 611 22.18 6.88 8.96
C LYS A 611 23.34 6.54 8.01
N VAL A 612 22.99 5.90 6.86
CA VAL A 612 23.90 5.44 5.80
C VAL A 612 23.55 6.12 4.48
N ASP A 613 24.57 6.67 3.78
CA ASP A 613 24.43 7.33 2.48
C ASP A 613 24.78 6.43 1.29
#